data_7A21
#
_entry.id   7A21
#
_cell.length_a   59.650
_cell.length_b   85.530
_cell.length_c   137.240
_cell.angle_alpha   90.000
_cell.angle_beta   90.000
_cell.angle_gamma   90.000
#
_symmetry.space_group_name_H-M   'P 2 21 21'
#
loop_
_entity.id
_entity.type
_entity.pdbx_description
1 polymer 'Activin receptor type I'
2 non-polymer 4-methyl-3-[4-(pyrrolidin-1-ylmethyl)phenyl]-5-(3,4,5-trimethoxyphenyl)pyridine
3 non-polymer 'DIMETHYL SULFOXIDE'
4 non-polymer 1,2-ETHANEDIOL
5 water water
#
_entity_poly.entity_id   1
_entity_poly.type   'polypeptide(L)'
_entity_poly.pdbx_seq_one_letter_code
;SMQRTVARDITLLECVGKGRYGEVWRGSWQGENVAVKIFSSRDEKSWFRETELYNTVMLRHENILGFIASDMTSRHSSTQ
LWLITHYHEMGSLYDYLQLTTLDTVSCLRIVLSIASGLAHLHIEIFGTQGKPAIAHRDLKSKNILVKKNGQCCIADLGLA
VMHSQSTNQLDVGNNPRVGTKRYMAPEVLDETIQVDCFDSYKRVDIWAFGLVLWEVARRMVSNGIVEDYKPPFYDVVPND
PSFEDMRKVVCVDQQRPNIPNRWFSDPTLTSLAKLMKECWYQNPSARLTALRIKKTLTKID
;
_entity_poly.pdbx_strand_id   A,B
#
# COMPACT_ATOMS: atom_id res chain seq x y z
N THR A 5 3.30 39.80 -0.85
CA THR A 5 3.87 38.66 -0.12
C THR A 5 3.83 38.90 1.39
N VAL A 6 3.46 37.86 2.13
CA VAL A 6 3.44 37.94 3.60
C VAL A 6 4.82 38.29 4.14
N ALA A 7 5.87 37.72 3.55
CA ALA A 7 7.20 37.79 4.17
C ALA A 7 7.55 39.19 4.67
N ARG A 8 7.28 40.22 3.89
CA ARG A 8 7.72 41.57 4.26
C ARG A 8 6.89 42.17 5.41
N ASP A 9 5.68 41.66 5.62
CA ASP A 9 4.78 42.11 6.70
C ASP A 9 5.07 41.46 8.05
N ILE A 10 5.66 40.27 8.07
CA ILE A 10 5.93 39.59 9.34
C ILE A 10 7.04 40.31 10.09
N THR A 11 6.82 40.53 11.39
CA THR A 11 7.86 41.09 12.25
C THR A 11 8.63 39.94 12.88
N LEU A 12 9.91 39.83 12.58
CA LEU A 12 10.72 38.81 13.21
C LEU A 12 11.13 39.29 14.59
N LEU A 13 10.88 38.48 15.60
CA LEU A 13 11.04 38.90 16.99
C LEU A 13 12.18 38.21 17.70
N GLU A 14 12.32 36.89 17.59
CA GLU A 14 13.48 36.25 18.20
C GLU A 14 13.77 34.95 17.48
N CYS A 15 15.05 34.55 17.51
CA CYS A 15 15.45 33.29 16.91
C CYS A 15 15.24 32.16 17.90
N VAL A 16 14.50 31.12 17.48
CA VAL A 16 14.19 29.97 18.33
C VAL A 16 14.81 28.67 17.82
N GLY A 17 15.60 28.71 16.75
CA GLY A 17 16.26 27.53 16.24
C GLY A 17 17.21 27.91 15.13
N LYS A 18 18.40 27.30 15.09
CA LYS A 18 19.40 27.63 14.08
C LYS A 18 20.32 26.45 13.87
N GLY A 19 20.64 26.18 12.62
CA GLY A 19 21.49 25.07 12.25
C GLY A 19 21.98 25.23 10.83
N ARG A 20 22.61 24.17 10.33
CA ARG A 20 23.02 24.16 8.92
C ARG A 20 21.82 24.32 7.99
N TYR A 21 20.63 23.90 8.43
CA TYR A 21 19.43 23.96 7.62
C TYR A 21 18.92 25.38 7.39
N GLY A 22 19.30 26.32 8.25
CA GLY A 22 18.67 27.62 8.28
C GLY A 22 18.32 28.01 9.71
N GLU A 23 17.29 28.85 9.87
CA GLU A 23 16.87 29.39 11.15
C GLU A 23 15.35 29.33 11.24
N VAL A 24 14.83 29.26 12.47
CA VAL A 24 13.40 29.45 12.70
C VAL A 24 13.24 30.62 13.66
N TRP A 25 12.34 31.55 13.33
CA TRP A 25 12.08 32.69 14.18
C TRP A 25 10.64 32.66 14.69
N ARG A 26 10.46 33.10 15.92
CA ARG A 26 9.14 33.55 16.36
C ARG A 26 8.88 34.90 15.70
N GLY A 27 7.77 35.00 15.00
CA GLY A 27 7.41 36.24 14.34
C GLY A 27 6.00 36.63 14.72
N SER A 28 5.72 37.91 14.52
CA SER A 28 4.38 38.45 14.70
C SER A 28 3.76 38.68 13.34
N TRP A 29 2.55 38.17 13.15
CA TRP A 29 1.82 38.41 11.92
C TRP A 29 0.32 38.43 12.21
N GLN A 30 -0.36 39.44 11.67
CA GLN A 30 -1.79 39.68 11.92
C GLN A 30 -2.13 39.54 13.40
N GLY A 31 -1.25 40.04 14.25
CA GLY A 31 -1.50 39.97 15.68
C GLY A 31 -1.46 38.57 16.26
N GLU A 32 -0.52 37.75 15.81
CA GLU A 32 -0.34 36.40 16.32
C GLU A 32 1.11 36.00 16.15
N ASN A 33 1.59 35.15 17.05
CA ASN A 33 2.85 34.49 16.78
C ASN A 33 2.72 33.58 15.57
N VAL A 34 3.78 33.54 14.77
CA VAL A 34 3.93 32.55 13.70
C VAL A 34 5.36 32.06 13.79
N ALA A 35 5.57 30.85 13.27
CA ALA A 35 6.93 30.36 13.09
C ALA A 35 7.37 30.68 11.67
N VAL A 36 8.52 31.31 11.54
CA VAL A 36 9.09 31.63 10.23
C VAL A 36 10.39 30.88 10.08
N LYS A 37 10.45 29.95 9.12
CA LYS A 37 11.68 29.25 8.79
C LYS A 37 12.29 29.92 7.56
N ILE A 38 13.53 30.39 7.72
CA ILE A 38 14.31 31.04 6.69
C ILE A 38 15.39 30.06 6.28
N PHE A 39 15.30 29.54 5.06
CA PHE A 39 16.17 28.46 4.62
C PHE A 39 17.56 28.97 4.27
N SER A 40 18.57 28.21 4.68
CA SER A 40 19.92 28.48 4.23
C SER A 40 19.97 28.33 2.71
N SER A 41 20.82 29.13 2.07
CA SER A 41 20.92 29.06 0.62
C SER A 41 21.25 27.65 0.15
N ARG A 42 21.92 26.87 0.99
CA ARG A 42 22.30 25.50 0.64
C ARG A 42 21.16 24.51 0.77
N ASP A 43 20.00 24.91 1.27
CA ASP A 43 18.94 23.96 1.57
C ASP A 43 17.66 24.29 0.85
N GLU A 44 17.77 24.88 -0.34
CA GLU A 44 16.57 25.33 -1.03
C GLU A 44 15.70 24.16 -1.50
N LYS A 45 16.30 23.01 -1.84
CA LYS A 45 15.48 21.87 -2.21
C LYS A 45 14.53 21.47 -1.09
N SER A 46 14.90 21.72 0.17
CA SER A 46 13.97 21.45 1.27
C SER A 46 12.77 22.38 1.21
N TRP A 47 13.02 23.67 1.00
CA TRP A 47 11.90 24.60 0.90
C TRP A 47 11.01 24.22 -0.27
N PHE A 48 11.62 23.92 -1.42
CA PHE A 48 10.90 23.39 -2.57
C PHE A 48 10.01 22.20 -2.18
N ARG A 49 10.58 21.22 -1.47
CA ARG A 49 9.79 20.04 -1.14
C ARG A 49 8.68 20.35 -0.15
N GLU A 50 8.96 21.15 0.88
CA GLU A 50 7.92 21.49 1.84
C GLU A 50 6.80 22.28 1.19
N THR A 51 7.14 23.25 0.33
CA THR A 51 6.12 24.00 -0.37
C THR A 51 5.26 23.09 -1.24
N GLU A 52 5.91 22.20 -2.00
CA GLU A 52 5.18 21.23 -2.80
C GLU A 52 4.18 20.46 -1.94
N LEU A 53 4.63 19.97 -0.79
CA LEU A 53 3.76 19.12 0.02
C LEU A 53 2.64 19.92 0.67
N TYR A 54 2.93 21.15 1.09
CA TYR A 54 1.90 21.91 1.77
C TYR A 54 0.98 22.64 0.78
N ASN A 55 1.48 23.09 -0.36
CA ASN A 55 0.65 23.85 -1.29
C ASN A 55 0.02 23.01 -2.38
N THR A 56 0.73 22.01 -2.88
CA THR A 56 0.19 21.15 -3.92
C THR A 56 -0.60 19.98 -3.35
N VAL A 57 -0.13 19.38 -2.26
CA VAL A 57 -0.85 18.26 -1.67
C VAL A 57 -1.89 18.69 -0.65
N MET A 58 -1.82 19.93 -0.15
CA MET A 58 -2.77 20.43 0.86
C MET A 58 -2.73 19.58 2.13
N LEU A 59 -1.53 19.14 2.52
CA LEU A 59 -1.33 18.36 3.74
C LEU A 59 -1.85 19.13 4.95
N ARG A 60 -2.82 18.57 5.66
CA ARG A 60 -3.38 19.25 6.84
C ARG A 60 -3.89 18.20 7.82
N HIS A 61 -3.38 18.23 9.05
CA HIS A 61 -3.73 17.21 10.04
C HIS A 61 -3.35 17.72 11.42
N GLU A 62 -4.20 17.43 12.42
CA GLU A 62 -3.97 18.00 13.74
C GLU A 62 -2.59 17.63 14.29
N ASN A 63 -1.98 16.53 13.82
CA ASN A 63 -0.66 16.11 14.28
C ASN A 63 0.43 16.35 13.24
N ILE A 64 0.19 17.27 12.31
CA ILE A 64 1.19 17.74 11.34
C ILE A 64 1.33 19.25 11.54
N LEU A 65 2.56 19.74 11.61
CA LEU A 65 2.77 21.17 11.81
C LEU A 65 1.95 21.95 10.77
N GLY A 66 1.13 22.90 11.23
CA GLY A 66 0.14 23.50 10.37
C GLY A 66 0.71 24.58 9.45
N PHE A 67 0.57 24.40 8.14
CA PHE A 67 1.10 25.33 7.16
C PHE A 67 0.32 26.64 7.17
N ILE A 68 1.02 27.76 7.00
CA ILE A 68 0.35 29.05 6.78
C ILE A 68 0.66 29.61 5.39
N ALA A 69 1.94 29.76 5.06
CA ALA A 69 2.33 30.30 3.76
C ALA A 69 3.79 29.94 3.48
N SER A 70 4.13 29.99 2.20
CA SER A 70 5.48 29.81 1.68
C SER A 70 5.83 31.04 0.84
N ASP A 71 7.06 31.52 0.93
CA ASP A 71 7.29 32.82 0.31
C ASP A 71 8.76 33.00 -0.09
N MET A 72 8.95 33.81 -1.14
CA MET A 72 10.23 34.38 -1.52
C MET A 72 10.20 35.87 -1.23
N THR A 73 11.14 36.33 -0.43
CA THR A 73 11.30 37.74 -0.15
C THR A 73 12.79 38.03 -0.14
N SER A 74 13.14 39.29 -0.36
CA SER A 74 14.53 39.70 -0.19
C SER A 74 14.58 40.65 1.01
N ARG A 75 15.19 40.18 2.09
CA ARG A 75 15.58 40.99 3.22
C ARG A 75 17.10 41.12 3.24
N HIS A 76 17.59 42.15 3.92
CA HIS A 76 19.03 42.36 4.07
C HIS A 76 19.77 42.26 2.72
N SER A 77 19.09 42.62 1.62
CA SER A 77 19.73 42.76 0.31
C SER A 77 20.06 41.42 -0.35
N SER A 78 19.28 40.39 -0.02
CA SER A 78 19.41 39.07 -0.61
C SER A 78 18.03 38.44 -0.62
N THR A 79 17.84 37.41 -1.46
CA THR A 79 16.54 36.75 -1.55
C THR A 79 16.54 35.46 -0.71
N GLN A 80 15.59 35.37 0.21
CA GLN A 80 15.46 34.25 1.12
C GLN A 80 14.18 33.48 0.83
N LEU A 81 14.17 32.21 1.22
CA LEU A 81 13.00 31.37 1.09
C LEU A 81 12.45 31.15 2.49
N TRP A 82 11.18 31.48 2.67
CA TRP A 82 10.50 31.46 3.95
C TRP A 82 9.40 30.41 3.93
N LEU A 83 9.31 29.65 5.01
CA LEU A 83 8.14 28.85 5.32
C LEU A 83 7.52 29.40 6.60
N ILE A 84 6.21 29.66 6.58
CA ILE A 84 5.53 30.20 7.74
C ILE A 84 4.47 29.18 8.19
N THR A 85 4.51 28.81 9.47
CA THR A 85 3.58 27.86 10.06
C THR A 85 3.04 28.37 11.39
N HIS A 86 2.03 27.67 11.91
CA HIS A 86 1.70 27.83 13.33
C HIS A 86 2.97 27.80 14.18
N TYR A 87 2.93 28.58 15.27
CA TYR A 87 3.97 28.66 16.29
C TYR A 87 3.47 27.96 17.53
N HIS A 88 4.22 26.98 18.02
CA HIS A 88 3.86 26.24 19.22
C HIS A 88 4.79 26.70 20.34
N GLU A 89 4.28 27.51 21.26
CA GLU A 89 5.15 28.09 22.29
C GLU A 89 5.74 27.04 23.24
N MET A 90 5.10 25.89 23.42
CA MET A 90 5.75 24.86 24.23
C MET A 90 7.02 24.34 23.59
N GLY A 91 7.23 24.61 22.30
CA GLY A 91 8.50 24.25 21.68
C GLY A 91 8.56 22.81 21.22
N SER A 92 9.79 22.35 21.03
CA SER A 92 10.00 21.02 20.46
C SER A 92 9.88 19.95 21.55
N LEU A 93 9.56 18.73 21.13
CA LEU A 93 9.52 17.61 22.07
C LEU A 93 10.88 17.43 22.73
N TYR A 94 11.95 17.66 21.96
CA TYR A 94 13.30 17.53 22.47
C TYR A 94 13.55 18.44 23.68
N ASP A 95 13.15 19.72 23.57
CA ASP A 95 13.24 20.64 24.71
C ASP A 95 12.25 20.28 25.80
N TYR A 96 11.01 19.95 25.41
CA TYR A 96 9.96 19.68 26.38
C TYR A 96 10.36 18.55 27.33
N LEU A 97 10.96 17.48 26.79
CA LEU A 97 11.43 16.36 27.61
C LEU A 97 12.55 16.76 28.55
N GLN A 98 13.22 17.85 28.27
CA GLN A 98 14.25 18.30 29.18
C GLN A 98 13.70 19.16 30.31
N LEU A 99 12.58 19.86 30.08
CA LEU A 99 12.04 20.78 31.07
C LEU A 99 10.94 20.18 31.94
N THR A 100 10.59 18.90 31.76
CA THR A 100 9.51 18.33 32.55
C THR A 100 9.57 16.80 32.52
N THR A 101 8.92 16.18 33.50
CA THR A 101 8.66 14.74 33.50
C THR A 101 7.19 14.52 33.12
N LEU A 102 6.85 13.26 32.82
CA LEU A 102 5.52 12.89 32.34
C LEU A 102 4.87 11.85 33.24
N ASP A 103 3.55 11.92 33.34
CA ASP A 103 2.74 10.87 33.95
C ASP A 103 2.26 9.97 32.83
N THR A 104 1.52 8.90 33.19
CA THR A 104 1.12 7.91 32.18
C THR A 104 0.24 8.53 31.10
N VAL A 105 -0.74 9.34 31.49
CA VAL A 105 -1.65 9.88 30.49
C VAL A 105 -0.91 10.79 29.52
N SER A 106 0.04 11.58 30.02
CA SER A 106 0.74 12.57 29.20
C SER A 106 1.71 11.90 28.25
N CYS A 107 2.41 10.87 28.74
CA CYS A 107 3.26 10.06 27.87
C CYS A 107 2.48 9.46 26.72
N LEU A 108 1.35 8.82 27.03
CA LEU A 108 0.61 8.10 25.99
C LEU A 108 0.01 9.09 24.99
N ARG A 109 -0.49 10.22 25.48
CA ARG A 109 -0.99 11.28 24.62
C ARG A 109 0.09 11.71 23.63
N ILE A 110 1.29 11.95 24.13
CA ILE A 110 2.41 12.35 23.28
C ILE A 110 2.69 11.28 22.22
N VAL A 111 2.97 10.05 22.65
CA VAL A 111 3.42 9.06 21.67
C VAL A 111 2.29 8.65 20.71
N LEU A 112 1.04 8.65 21.19
CA LEU A 112 -0.07 8.27 20.33
C LEU A 112 -0.31 9.31 19.24
N SER A 113 -0.24 10.60 19.60
CA SER A 113 -0.44 11.66 18.63
C SER A 113 0.70 11.69 17.60
N ILE A 114 1.91 11.28 17.97
CA ILE A 114 2.95 11.12 16.96
C ILE A 114 2.59 9.98 16.00
N ALA A 115 2.21 8.83 16.56
CA ALA A 115 1.75 7.72 15.73
C ALA A 115 0.66 8.18 14.78
N SER A 116 -0.33 8.92 15.30
CA SER A 116 -1.42 9.41 14.45
CA SER A 116 -1.42 9.41 14.45
C SER A 116 -0.89 10.22 13.28
N GLY A 117 0.01 11.17 13.56
CA GLY A 117 0.59 11.96 12.48
C GLY A 117 1.31 11.11 11.45
N LEU A 118 2.11 10.14 11.91
CA LEU A 118 2.93 9.35 10.98
C LEU A 118 2.08 8.38 10.16
N ALA A 119 1.07 7.75 10.77
CA ALA A 119 0.08 7.02 10.01
C ALA A 119 -0.51 7.88 8.91
N HIS A 120 -0.96 9.09 9.26
CA HIS A 120 -1.57 9.95 8.26
C HIS A 120 -0.60 10.19 7.10
N LEU A 121 0.68 10.38 7.39
CA LEU A 121 1.65 10.59 6.32
C LEU A 121 1.79 9.34 5.45
N HIS A 122 1.97 8.18 6.10
CA HIS A 122 2.33 6.95 5.42
C HIS A 122 1.21 6.38 4.56
N ILE A 123 -0.04 6.73 4.83
CA ILE A 123 -1.19 6.07 4.21
C ILE A 123 -1.75 6.91 3.08
N GLU A 124 -2.01 6.26 1.93
CA GLU A 124 -2.56 6.94 0.76
C GLU A 124 -4.06 7.09 0.88
N ILE A 125 -4.57 8.28 0.57
CA ILE A 125 -5.99 8.58 0.56
C ILE A 125 -6.40 8.88 -0.87
N PHE A 126 -7.38 8.15 -1.38
CA PHE A 126 -7.82 8.36 -2.74
C PHE A 126 -9.00 9.31 -2.78
N GLY A 127 -9.17 9.95 -3.92
CA GLY A 127 -10.35 10.73 -4.19
C GLY A 127 -10.03 12.18 -4.45
N THR A 128 -11.10 12.95 -4.60
CA THR A 128 -10.97 14.38 -4.88
C THR A 128 -10.33 15.13 -3.71
N GLN A 129 -10.30 14.54 -2.52
CA GLN A 129 -9.84 15.22 -1.31
C GLN A 129 -8.66 14.50 -0.64
N GLY A 130 -7.75 13.91 -1.42
CA GLY A 130 -6.83 12.91 -0.89
C GLY A 130 -5.35 13.23 -0.97
N LYS A 131 -4.51 12.21 -0.78
CA LYS A 131 -3.08 12.45 -0.69
C LYS A 131 -2.35 11.20 -1.07
N PRO A 132 -1.16 11.32 -1.64
CA PRO A 132 -0.31 10.15 -1.81
C PRO A 132 0.30 9.70 -0.49
N ALA A 133 0.77 8.46 -0.47
CA ALA A 133 1.58 8.02 0.65
C ALA A 133 2.85 8.88 0.75
N ILE A 134 3.17 9.28 1.99
CA ILE A 134 4.30 10.18 2.28
C ILE A 134 5.19 9.52 3.32
N ALA A 135 6.49 9.48 3.06
CA ALA A 135 7.48 9.10 4.06
C ALA A 135 8.32 10.31 4.42
N HIS A 136 8.58 10.48 5.73
CA HIS A 136 9.18 11.69 6.31
C HIS A 136 10.70 11.76 6.11
N ARG A 137 11.41 10.74 6.57
CA ARG A 137 12.87 10.56 6.38
C ARG A 137 13.73 11.42 7.30
N ASP A 138 13.15 12.20 8.22
CA ASP A 138 13.98 12.86 9.22
C ASP A 138 13.19 13.05 10.50
N LEU A 139 12.51 11.99 10.91
CA LEU A 139 11.75 12.03 12.14
C LEU A 139 12.72 11.97 13.33
N LYS A 140 12.59 12.94 14.25
CA LYS A 140 13.38 13.04 15.48
C LYS A 140 12.64 13.93 16.45
N SER A 141 13.14 14.02 17.69
CA SER A 141 12.41 14.77 18.71
C SER A 141 12.51 16.27 18.47
N LYS A 142 13.58 16.75 17.82
CA LYS A 142 13.65 18.15 17.44
C LYS A 142 12.72 18.50 16.30
N ASN A 143 12.23 17.50 15.56
CA ASN A 143 11.26 17.73 14.48
C ASN A 143 9.83 17.43 14.92
N ILE A 144 9.58 17.41 16.22
CA ILE A 144 8.25 17.23 16.77
C ILE A 144 7.99 18.37 17.73
N LEU A 145 6.85 19.02 17.59
CA LEU A 145 6.44 20.11 18.46
C LEU A 145 5.34 19.64 19.40
N VAL A 146 5.30 20.27 20.57
CA VAL A 146 4.33 19.97 21.61
C VAL A 146 3.29 21.09 21.61
N LYS A 147 2.03 20.72 21.36
CA LYS A 147 0.91 21.63 21.37
C LYS A 147 0.41 21.85 22.80
N LYS A 148 -0.42 22.89 22.98
CA LYS A 148 -0.87 23.28 24.32
C LYS A 148 -1.81 22.25 24.94
N ASN A 149 -2.53 21.51 24.11
CA ASN A 149 -3.39 20.42 24.55
C ASN A 149 -2.62 19.15 24.88
N GLY A 150 -1.29 19.19 24.81
CA GLY A 150 -0.48 18.03 25.13
C GLY A 150 -0.33 17.00 24.02
N GLN A 151 -1.00 17.15 22.89
CA GLN A 151 -0.63 16.37 21.72
C GLN A 151 0.58 16.98 21.03
N CYS A 152 1.15 16.25 20.07
CA CYS A 152 2.29 16.73 19.31
C CYS A 152 1.94 16.86 17.84
N CYS A 153 2.83 17.47 17.08
CA CYS A 153 2.68 17.46 15.63
C CYS A 153 4.06 17.35 14.99
N ILE A 154 4.10 16.65 13.86
CA ILE A 154 5.34 16.35 13.14
C ILE A 154 5.67 17.50 12.20
N ALA A 155 6.95 17.86 12.14
CA ALA A 155 7.42 19.01 11.39
C ALA A 155 8.55 18.61 10.46
N ASP A 156 8.74 19.45 9.43
CA ASP A 156 9.88 19.39 8.52
C ASP A 156 9.67 18.31 7.47
N LEU A 157 9.00 18.69 6.37
CA LEU A 157 8.74 17.77 5.27
C LEU A 157 9.76 17.91 4.16
N GLY A 158 10.88 18.58 4.42
CA GLY A 158 11.85 18.88 3.38
C GLY A 158 12.48 17.66 2.72
N LEU A 159 12.44 16.51 3.37
CA LEU A 159 12.97 15.28 2.80
C LEU A 159 11.88 14.30 2.42
N ALA A 160 10.64 14.75 2.38
CA ALA A 160 9.53 13.82 2.18
C ALA A 160 9.71 13.06 0.87
N VAL A 161 9.23 11.83 0.87
CA VAL A 161 9.16 11.03 -0.34
C VAL A 161 7.69 10.69 -0.50
N MET A 162 7.22 10.65 -1.74
CA MET A 162 5.80 10.38 -1.99
C MET A 162 5.62 9.20 -2.92
N HIS A 163 4.44 8.59 -2.83
CA HIS A 163 4.11 7.49 -3.73
C HIS A 163 2.61 7.36 -3.80
N SER A 164 2.12 7.05 -4.99
CA SER A 164 0.71 6.78 -5.24
C SER A 164 0.58 5.44 -5.95
N GLN A 165 -0.45 4.68 -5.57
CA GLN A 165 -0.80 3.47 -6.27
C GLN A 165 -1.45 3.75 -7.62
N SER A 166 -2.03 4.94 -7.78
CA SER A 166 -2.55 5.35 -9.08
C SER A 166 -1.48 5.22 -10.15
N THR A 167 -0.29 5.76 -9.89
CA THR A 167 0.74 5.88 -10.90
C THR A 167 1.91 4.92 -10.74
N ASN A 168 2.08 4.34 -9.55
CA ASN A 168 3.26 3.53 -9.25
C ASN A 168 4.56 4.32 -9.49
N GLN A 169 4.54 5.61 -9.19
CA GLN A 169 5.69 6.48 -9.40
C GLN A 169 6.28 6.84 -8.04
N LEU A 170 7.49 6.37 -7.77
CA LEU A 170 8.17 6.75 -6.54
C LEU A 170 8.82 8.10 -6.76
N ASP A 171 8.53 9.04 -5.87
CA ASP A 171 8.93 10.44 -6.02
C ASP A 171 9.85 10.78 -4.85
N VAL A 172 11.16 10.64 -5.08
CA VAL A 172 12.15 10.99 -4.06
C VAL A 172 12.71 12.38 -4.22
N GLY A 173 12.24 13.15 -5.20
CA GLY A 173 12.80 14.48 -5.37
C GLY A 173 14.29 14.44 -5.68
N ASN A 174 14.95 15.58 -5.43
CA ASN A 174 16.34 15.78 -5.81
C ASN A 174 17.09 16.55 -4.73
N ASN A 175 16.82 16.24 -3.48
CA ASN A 175 17.41 16.94 -2.37
C ASN A 175 18.73 16.28 -2.00
N PRO A 176 19.86 17.00 -1.98
CA PRO A 176 21.10 16.38 -1.50
C PRO A 176 21.17 16.24 0.02
N ARG A 177 20.22 16.80 0.77
CA ARG A 177 20.19 16.64 2.22
C ARG A 177 19.99 15.17 2.59
N VAL A 178 20.54 14.78 3.74
CA VAL A 178 20.34 13.43 4.26
C VAL A 178 19.83 13.53 5.69
N GLY A 179 19.25 12.43 6.18
CA GLY A 179 18.63 12.44 7.49
C GLY A 179 19.62 12.71 8.61
N THR A 180 19.09 13.08 9.79
CA THR A 180 19.93 13.23 10.98
C THR A 180 20.62 11.90 11.28
N LYS A 181 21.95 11.95 11.40
CA LYS A 181 22.73 10.71 11.45
C LYS A 181 22.34 9.86 12.65
N ARG A 182 22.26 10.48 13.83
CA ARG A 182 21.91 9.73 15.05
C ARG A 182 20.65 8.89 14.87
N TYR A 183 19.75 9.27 13.96
CA TYR A 183 18.46 8.59 13.82
C TYR A 183 18.38 7.68 12.60
N MET A 184 19.47 7.54 11.84
CA MET A 184 19.46 6.74 10.61
C MET A 184 19.32 5.25 10.90
N ALA A 185 18.42 4.59 10.13
CA ALA A 185 18.21 3.15 10.29
C ALA A 185 19.46 2.38 9.87
N PRO A 186 19.60 1.13 10.34
CA PRO A 186 20.78 0.32 9.94
C PRO A 186 20.98 0.29 8.43
N GLU A 187 19.91 0.06 7.66
CA GLU A 187 20.02 -0.08 6.21
C GLU A 187 20.44 1.22 5.52
N VAL A 188 20.20 2.38 6.14
CA VAL A 188 20.75 3.63 5.60
C VAL A 188 22.24 3.71 5.91
N LEU A 189 22.63 3.41 7.15
CA LEU A 189 24.02 3.49 7.57
C LEU A 189 24.92 2.50 6.81
N ASP A 190 24.41 1.31 6.46
CA ASP A 190 25.17 0.36 5.66
C ASP A 190 24.80 0.42 4.18
N GLU A 191 24.01 1.40 3.75
CA GLU A 191 23.77 1.66 2.32
C GLU A 191 23.33 0.40 1.60
N THR A 192 22.50 -0.38 2.26
CA THR A 192 21.79 -1.45 1.58
C THR A 192 20.31 -1.13 1.44
N ILE A 193 19.85 0.03 1.93
CA ILE A 193 18.44 0.39 1.77
C ILE A 193 18.04 0.26 0.31
N GLN A 194 16.84 -0.23 0.07
CA GLN A 194 16.39 -0.43 -1.32
C GLN A 194 15.76 0.87 -1.80
N VAL A 195 16.52 1.67 -2.54
CA VAL A 195 16.15 3.06 -2.77
C VAL A 195 15.00 3.26 -3.75
N ASP A 196 14.63 2.22 -4.52
CA ASP A 196 13.51 2.33 -5.47
C ASP A 196 12.21 1.80 -4.90
N CYS A 197 12.20 1.31 -3.67
CA CYS A 197 11.00 0.75 -3.06
C CYS A 197 10.48 1.72 -2.00
N PHE A 198 9.24 2.20 -2.17
CA PHE A 198 8.72 3.20 -1.25
C PHE A 198 8.68 2.67 0.18
N ASP A 199 8.31 1.41 0.35
CA ASP A 199 8.22 0.82 1.68
C ASP A 199 9.51 1.04 2.48
N SER A 200 10.67 0.97 1.81
CA SER A 200 11.95 1.21 2.48
C SER A 200 11.91 2.49 3.34
N TYR A 201 11.40 3.58 2.76
CA TYR A 201 11.44 4.85 3.47
C TYR A 201 10.47 4.89 4.64
N LYS A 202 9.32 4.22 4.50
CA LYS A 202 8.43 4.08 5.64
C LYS A 202 9.12 3.35 6.79
N ARG A 203 9.96 2.36 6.48
CA ARG A 203 10.62 1.55 7.51
C ARG A 203 11.77 2.29 8.17
N VAL A 204 12.35 3.24 7.45
CA VAL A 204 13.31 4.15 8.06
C VAL A 204 12.60 5.07 9.04
N ASP A 205 11.38 5.49 8.70
CA ASP A 205 10.59 6.28 9.64
C ASP A 205 10.28 5.49 10.90
N ILE A 206 9.94 4.21 10.76
CA ILE A 206 9.53 3.42 11.93
C ILE A 206 10.70 3.22 12.88
N TRP A 207 11.90 2.92 12.36
CA TRP A 207 13.11 2.90 13.18
C TRP A 207 13.25 4.20 14.01
N ALA A 208 13.16 5.36 13.35
CA ALA A 208 13.38 6.62 14.06
C ALA A 208 12.28 6.86 15.09
N PHE A 209 11.05 6.43 14.77
CA PHE A 209 9.95 6.59 15.70
C PHE A 209 10.19 5.75 16.95
N GLY A 210 10.71 4.52 16.77
CA GLY A 210 11.14 3.74 17.92
C GLY A 210 12.09 4.48 18.83
N LEU A 211 13.12 5.12 18.25
CA LEU A 211 14.06 5.93 19.04
C LEU A 211 13.34 7.07 19.77
N VAL A 212 12.37 7.71 19.12
CA VAL A 212 11.62 8.80 19.78
C VAL A 212 10.78 8.26 20.91
N LEU A 213 10.22 7.06 20.75
CA LEU A 213 9.47 6.42 21.83
C LEU A 213 10.37 6.19 23.04
N TRP A 214 11.57 5.66 22.79
CA TRP A 214 12.57 5.50 23.84
C TRP A 214 12.82 6.82 24.57
N GLU A 215 13.08 7.89 23.81
CA GLU A 215 13.34 9.20 24.42
C GLU A 215 12.17 9.63 25.30
N VAL A 216 10.94 9.38 24.84
CA VAL A 216 9.77 9.81 25.60
C VAL A 216 9.60 8.95 26.85
N ALA A 217 9.67 7.62 26.71
CA ALA A 217 9.39 6.70 27.82
C ALA A 217 10.31 6.97 28.99
N ARG A 218 11.59 7.29 28.71
CA ARG A 218 12.55 7.60 29.77
C ARG A 218 12.02 8.67 30.72
N ARG A 219 11.16 9.57 30.22
CA ARG A 219 10.70 10.69 31.03
C ARG A 219 9.37 10.42 31.72
N MET A 220 8.80 9.22 31.57
CA MET A 220 7.58 8.87 32.31
C MET A 220 7.95 8.36 33.71
N VAL A 221 7.33 8.92 34.73
CA VAL A 221 7.61 8.52 36.10
C VAL A 221 6.94 7.18 36.40
N SER A 222 7.67 6.29 37.04
CA SER A 222 7.06 5.09 37.60
C SER A 222 7.74 4.81 38.93
N ASN A 223 6.93 4.46 39.94
CA ASN A 223 7.44 4.20 41.27
C ASN A 223 8.34 5.36 41.71
N GLY A 224 7.92 6.58 41.36
CA GLY A 224 8.57 7.79 41.80
C GLY A 224 9.88 8.17 41.15
N ILE A 225 10.30 7.48 40.08
CA ILE A 225 11.59 7.77 39.45
C ILE A 225 11.45 7.89 37.94
N VAL A 226 12.47 8.53 37.33
CA VAL A 226 12.59 8.69 35.88
C VAL A 226 14.07 8.58 35.51
N GLU A 227 14.32 8.35 34.23
CA GLU A 227 15.65 8.54 33.66
C GLU A 227 15.85 10.01 33.29
N ASP A 228 17.12 10.42 33.21
CA ASP A 228 17.43 11.73 32.65
C ASP A 228 17.07 11.76 31.18
N TYR A 229 16.68 12.94 30.67
CA TYR A 229 16.61 13.05 29.21
C TYR A 229 17.98 12.79 28.61
N LYS A 230 18.03 11.89 27.62
CA LYS A 230 19.20 11.64 26.78
C LYS A 230 18.70 11.39 25.37
N PRO A 231 19.55 11.63 24.38
CA PRO A 231 19.18 11.27 23.01
C PRO A 231 19.54 9.84 22.71
N PRO A 232 18.97 9.23 21.68
CA PRO A 232 19.35 7.85 21.36
C PRO A 232 20.85 7.73 21.15
N PHE A 233 21.43 6.67 21.74
CA PHE A 233 22.84 6.34 21.64
C PHE A 233 23.75 7.38 22.32
N TYR A 234 23.21 8.19 23.24
CA TYR A 234 24.04 9.16 23.97
C TYR A 234 25.30 8.53 24.53
N ASP A 235 25.22 7.28 25.02
CA ASP A 235 26.34 6.73 25.76
C ASP A 235 27.49 6.26 24.88
N VAL A 236 27.32 6.17 23.56
CA VAL A 236 28.31 5.53 22.70
C VAL A 236 28.71 6.35 21.48
N VAL A 237 28.12 7.52 21.27
CA VAL A 237 28.60 8.44 20.23
C VAL A 237 28.65 9.85 20.79
N PRO A 238 29.63 10.64 20.34
CA PRO A 238 29.71 12.04 20.79
C PRO A 238 28.54 12.88 20.30
N ASN A 239 28.55 14.16 20.67
CA ASN A 239 27.64 15.09 20.03
C ASN A 239 27.94 15.17 18.55
N ASP A 240 26.89 15.36 17.76
CA ASP A 240 27.02 15.48 16.31
C ASP A 240 27.84 14.30 15.80
N PRO A 241 27.31 13.08 15.92
CA PRO A 241 28.07 11.90 15.49
C PRO A 241 28.20 11.88 13.97
N SER A 242 29.35 11.40 13.50
CA SER A 242 29.56 11.23 12.08
C SER A 242 28.75 10.04 11.56
N PHE A 243 28.74 9.91 10.24
CA PHE A 243 28.12 8.76 9.60
C PHE A 243 28.78 7.46 10.03
N GLU A 244 30.09 7.51 10.24
CA GLU A 244 30.87 6.34 10.63
C GLU A 244 30.72 6.00 12.11
N ASP A 245 30.56 7.01 12.99
CA ASP A 245 30.28 6.70 14.40
C ASP A 245 29.00 5.90 14.52
N MET A 246 27.99 6.28 13.72
CA MET A 246 26.71 5.60 13.79
C MET A 246 26.79 4.24 13.12
N ARG A 247 27.48 4.16 11.97
CA ARG A 247 27.59 2.87 11.29
C ARG A 247 28.27 1.86 12.18
N LYS A 248 29.34 2.27 12.86
CA LYS A 248 30.05 1.38 13.78
C LYS A 248 29.13 0.87 14.89
N VAL A 249 28.40 1.78 15.53
CA VAL A 249 27.56 1.41 16.67
C VAL A 249 26.37 0.56 16.22
N VAL A 250 25.66 0.99 15.19
CA VAL A 250 24.35 0.44 14.87
C VAL A 250 24.46 -0.81 13.97
N CYS A 251 25.40 -0.77 13.03
CA CYS A 251 25.61 -1.81 12.03
C CYS A 251 26.67 -2.82 12.43
N VAL A 252 27.88 -2.36 12.74
CA VAL A 252 28.97 -3.29 13.02
C VAL A 252 28.78 -3.95 14.38
N ASP A 253 28.40 -3.17 15.39
CA ASP A 253 28.19 -3.69 16.74
C ASP A 253 26.74 -4.05 17.03
N GLN A 254 25.80 -3.73 16.14
CA GLN A 254 24.39 -4.09 16.28
C GLN A 254 23.81 -3.63 17.61
N GLN A 255 24.23 -2.44 18.07
CA GLN A 255 23.67 -1.85 19.29
C GLN A 255 22.25 -1.37 19.06
N ARG A 256 21.46 -1.42 20.13
CA ARG A 256 20.15 -0.77 20.24
C ARG A 256 20.09 -0.05 21.58
N PRO A 257 19.21 0.92 21.73
CA PRO A 257 19.06 1.58 23.03
C PRO A 257 18.76 0.58 24.14
N ASN A 258 19.30 0.84 25.33
CA ASN A 258 19.05 -0.03 26.47
C ASN A 258 17.71 0.27 27.13
N ILE A 259 17.02 -0.79 27.56
CA ILE A 259 15.76 -0.67 28.29
C ILE A 259 16.08 -0.64 29.78
N PRO A 260 15.72 0.42 30.51
CA PRO A 260 15.96 0.46 31.97
C PRO A 260 15.13 -0.59 32.70
N ASN A 261 15.76 -1.24 33.70
CA ASN A 261 15.09 -2.30 34.45
C ASN A 261 13.74 -1.86 34.97
N ARG A 262 13.63 -0.61 35.44
CA ARG A 262 12.40 -0.19 36.10
C ARG A 262 11.18 -0.19 35.17
N TRP A 263 11.40 -0.15 33.84
CA TRP A 263 10.27 -0.17 32.91
C TRP A 263 9.44 -1.46 33.02
N PHE A 264 10.11 -2.59 33.28
CA PHE A 264 9.38 -3.85 33.39
C PHE A 264 8.52 -3.95 34.65
N SER A 265 8.71 -3.06 35.63
CA SER A 265 7.84 -3.02 36.80
C SER A 265 6.67 -2.07 36.63
N ASP A 266 6.46 -1.56 35.43
CA ASP A 266 5.33 -0.69 35.15
C ASP A 266 4.71 -1.22 33.87
N PRO A 267 3.38 -1.37 33.82
CA PRO A 267 2.77 -2.00 32.62
C PRO A 267 2.83 -1.13 31.38
N THR A 268 2.58 0.18 31.48
CA THR A 268 2.69 1.03 30.29
C THR A 268 4.08 0.96 29.68
N LEU A 269 5.13 1.09 30.51
CA LEU A 269 6.50 1.12 29.99
C LEU A 269 6.89 -0.25 29.43
N THR A 270 6.44 -1.33 30.07
CA THR A 270 6.57 -2.66 29.49
C THR A 270 5.95 -2.72 28.10
N SER A 271 4.70 -2.26 27.96
CA SER A 271 4.08 -2.22 26.64
C SER A 271 4.93 -1.42 25.66
N LEU A 272 5.37 -0.22 26.07
CA LEU A 272 6.14 0.64 25.19
C LEU A 272 7.48 0.02 24.83
N ALA A 273 8.14 -0.65 25.78
CA ALA A 273 9.37 -1.38 25.49
C ALA A 273 9.16 -2.44 24.40
N LYS A 274 8.02 -3.12 24.43
CA LYS A 274 7.74 -4.11 23.40
C LYS A 274 7.61 -3.45 22.04
N LEU A 275 6.85 -2.36 21.96
CA LEU A 275 6.73 -1.62 20.68
C LEU A 275 8.10 -1.22 20.16
N MET A 276 8.87 -0.50 20.96
CA MET A 276 10.07 0.09 20.38
C MET A 276 11.03 -0.99 19.91
N LYS A 277 11.03 -2.14 20.57
CA LYS A 277 11.92 -3.20 20.08
C LYS A 277 11.46 -3.73 18.71
N GLU A 278 10.17 -3.65 18.42
CA GLU A 278 9.69 -4.11 17.12
C GLU A 278 9.81 -3.04 16.04
N CYS A 279 10.29 -1.85 16.39
CA CYS A 279 10.68 -0.83 15.43
C CYS A 279 12.15 -0.95 15.06
N TRP A 280 12.90 -1.80 15.76
CA TRP A 280 14.35 -1.85 15.71
C TRP A 280 14.89 -3.11 15.05
N TYR A 281 14.02 -4.02 14.61
CA TYR A 281 14.49 -5.18 13.88
C TYR A 281 15.45 -4.74 12.79
N GLN A 282 16.56 -5.48 12.66
CA GLN A 282 17.51 -5.21 11.59
C GLN A 282 16.86 -5.40 10.22
N ASN A 283 16.08 -6.46 10.06
CA ASN A 283 15.31 -6.71 8.84
C ASN A 283 14.23 -5.65 8.70
N PRO A 284 14.34 -4.69 7.78
CA PRO A 284 13.35 -3.60 7.73
C PRO A 284 11.91 -4.08 7.53
N SER A 285 11.70 -5.15 6.75
CA SER A 285 10.33 -5.59 6.53
C SER A 285 9.69 -6.14 7.78
N ALA A 286 10.48 -6.51 8.79
CA ALA A 286 9.93 -7.07 10.03
C ALA A 286 9.39 -6.01 10.99
N ARG A 287 9.75 -4.74 10.81
CA ARG A 287 9.34 -3.69 11.71
C ARG A 287 7.83 -3.44 11.64
N LEU A 288 7.26 -2.96 12.75
CA LEU A 288 5.85 -2.59 12.80
C LEU A 288 5.56 -1.49 11.78
N THR A 289 4.27 -1.35 11.45
CA THR A 289 3.79 -0.23 10.66
C THR A 289 3.28 0.89 11.57
N ALA A 290 3.21 2.10 11.01
CA ALA A 290 2.66 3.24 11.71
C ALA A 290 1.23 2.98 12.18
N LEU A 291 0.40 2.39 11.32
CA LEU A 291 -0.97 2.12 11.72
C LEU A 291 -1.01 1.10 12.86
N ARG A 292 -0.14 0.10 12.81
CA ARG A 292 -0.10 -0.88 13.90
C ARG A 292 0.27 -0.22 15.22
N ILE A 293 1.37 0.56 15.22
CA ILE A 293 1.76 1.34 16.40
C ILE A 293 0.58 2.15 16.90
N LYS A 294 -0.09 2.86 15.99
CA LYS A 294 -1.23 3.68 16.40
C LYS A 294 -2.28 2.83 17.07
N LYS A 295 -2.57 1.67 16.47
CA LYS A 295 -3.62 0.82 16.99
C LYS A 295 -3.24 0.31 18.38
N THR A 296 -1.99 -0.13 18.54
CA THR A 296 -1.57 -0.67 19.84
C THR A 296 -1.55 0.42 20.91
N LEU A 297 -1.00 1.59 20.59
CA LEU A 297 -0.96 2.66 21.59
C LEU A 297 -2.35 3.03 22.06
N THR A 298 -3.32 2.99 21.15
CA THR A 298 -4.70 3.33 21.50
C THR A 298 -5.25 2.41 22.59
N LYS A 299 -4.84 1.13 22.59
CA LYS A 299 -5.35 0.15 23.55
C LYS A 299 -4.63 0.21 24.89
N ILE A 300 -3.35 0.58 24.91
CA ILE A 300 -2.53 0.61 26.12
C ILE A 300 -3.22 1.29 27.30
N THR B 5 -29.63 -23.78 7.54
CA THR B 5 -28.85 -22.75 6.87
C THR B 5 -29.28 -22.58 5.41
N VAL B 6 -28.34 -22.11 4.58
CA VAL B 6 -28.67 -21.81 3.19
C VAL B 6 -28.48 -23.05 2.29
N ALA B 7 -27.56 -23.95 2.63
CA ALA B 7 -27.29 -25.11 1.77
C ALA B 7 -28.34 -26.20 1.90
N ARG B 8 -28.92 -26.33 3.10
CA ARG B 8 -30.04 -27.26 3.28
C ARG B 8 -31.22 -26.87 2.41
N ASP B 9 -31.40 -25.57 2.16
CA ASP B 9 -32.57 -25.06 1.45
C ASP B 9 -32.37 -24.91 -0.06
N ILE B 10 -31.22 -25.32 -0.62
CA ILE B 10 -30.96 -25.18 -2.05
C ILE B 10 -31.18 -26.52 -2.75
N THR B 11 -31.83 -26.47 -3.89
CA THR B 11 -32.00 -27.65 -4.74
C THR B 11 -31.10 -27.48 -5.95
N LEU B 12 -30.24 -28.46 -6.19
CA LEU B 12 -29.38 -28.41 -7.37
C LEU B 12 -30.16 -28.86 -8.59
N LEU B 13 -30.08 -28.07 -9.67
CA LEU B 13 -30.86 -28.34 -10.88
C LEU B 13 -30.01 -28.78 -12.05
N GLU B 14 -28.92 -28.06 -12.37
CA GLU B 14 -28.08 -28.56 -13.46
C GLU B 14 -26.61 -28.22 -13.25
N CYS B 15 -25.76 -29.17 -13.64
CA CYS B 15 -24.32 -28.99 -13.59
C CYS B 15 -23.86 -28.21 -14.82
N VAL B 16 -23.24 -27.03 -14.61
CA VAL B 16 -22.76 -26.23 -15.74
C VAL B 16 -21.27 -26.41 -16.00
N GLY B 17 -20.59 -27.17 -15.16
CA GLY B 17 -19.17 -27.40 -15.35
C GLY B 17 -18.61 -28.36 -14.33
N LYS B 18 -17.60 -29.13 -14.76
CA LYS B 18 -16.96 -30.12 -13.90
C LYS B 18 -15.49 -30.19 -14.25
N GLY B 19 -14.62 -30.16 -13.25
CA GLY B 19 -13.19 -30.18 -13.48
C GLY B 19 -12.44 -30.64 -12.24
N ARG B 20 -11.11 -30.53 -12.31
CA ARG B 20 -10.30 -30.90 -11.16
C ARG B 20 -10.72 -30.14 -9.90
N TYR B 21 -11.28 -28.94 -10.06
CA TYR B 21 -11.69 -28.06 -8.96
C TYR B 21 -12.96 -28.52 -8.25
N GLY B 22 -13.72 -29.45 -8.82
CA GLY B 22 -15.04 -29.79 -8.34
C GLY B 22 -16.08 -29.64 -9.45
N GLU B 23 -17.25 -29.15 -9.08
CA GLU B 23 -18.34 -28.92 -10.04
C GLU B 23 -18.98 -27.58 -9.74
N VAL B 24 -19.56 -26.97 -10.75
CA VAL B 24 -20.40 -25.80 -10.51
C VAL B 24 -21.80 -26.11 -11.01
N TRP B 25 -22.80 -25.66 -10.26
CA TRP B 25 -24.19 -25.99 -10.53
C TRP B 25 -25.03 -24.73 -10.55
N ARG B 26 -26.08 -24.74 -11.36
CA ARG B 26 -27.18 -23.83 -11.15
C ARG B 26 -28.14 -24.48 -10.17
N GLY B 27 -28.46 -23.78 -9.07
CA GLY B 27 -29.41 -24.27 -8.11
C GLY B 27 -30.51 -23.25 -7.87
N SER B 28 -31.52 -23.70 -7.14
CA SER B 28 -32.67 -22.90 -6.78
C SER B 28 -32.64 -22.65 -5.28
N TRP B 29 -32.81 -21.40 -4.89
CA TRP B 29 -32.81 -21.00 -3.48
C TRP B 29 -33.98 -20.05 -3.32
N GLN B 30 -35.01 -20.51 -2.62
CA GLN B 30 -36.24 -19.75 -2.50
C GLN B 30 -36.87 -19.53 -3.87
N GLY B 31 -36.67 -20.49 -4.78
CA GLY B 31 -37.10 -20.37 -6.15
C GLY B 31 -36.17 -19.64 -7.10
N GLU B 32 -35.28 -18.77 -6.61
CA GLU B 32 -34.41 -18.01 -7.49
C GLU B 32 -33.08 -18.73 -7.77
N ASN B 33 -32.45 -18.36 -8.89
CA ASN B 33 -31.24 -19.05 -9.31
C ASN B 33 -30.05 -18.65 -8.45
N VAL B 34 -29.25 -19.64 -8.05
CA VAL B 34 -27.94 -19.42 -7.47
C VAL B 34 -26.93 -20.37 -8.09
N ALA B 35 -25.67 -19.99 -8.01
CA ALA B 35 -24.54 -20.83 -8.37
C ALA B 35 -23.99 -21.52 -7.14
N VAL B 36 -23.83 -22.84 -7.22
CA VAL B 36 -23.20 -23.64 -6.16
C VAL B 36 -21.93 -24.26 -6.74
N LYS B 37 -20.80 -24.01 -6.10
CA LYS B 37 -19.55 -24.69 -6.41
C LYS B 37 -19.34 -25.77 -5.36
N ILE B 38 -19.22 -27.02 -5.82
CA ILE B 38 -18.96 -28.15 -4.94
C ILE B 38 -17.47 -28.48 -5.13
N PHE B 39 -16.67 -28.20 -4.10
CA PHE B 39 -15.23 -28.35 -4.25
C PHE B 39 -14.86 -29.83 -4.25
N SER B 40 -13.87 -30.17 -5.08
CA SER B 40 -13.29 -31.50 -5.02
C SER B 40 -12.50 -31.67 -3.74
N SER B 41 -12.31 -32.93 -3.34
CA SER B 41 -11.48 -33.22 -2.18
C SER B 41 -10.08 -32.64 -2.32
N ARG B 42 -9.53 -32.64 -3.52
CA ARG B 42 -8.18 -32.11 -3.74
C ARG B 42 -8.13 -30.59 -3.71
N ASP B 43 -9.27 -29.90 -3.64
CA ASP B 43 -9.30 -28.45 -3.72
C ASP B 43 -9.93 -27.81 -2.47
N GLU B 44 -9.93 -28.52 -1.33
CA GLU B 44 -10.63 -28.02 -0.15
C GLU B 44 -9.98 -26.78 0.44
N LYS B 45 -8.67 -26.60 0.22
CA LYS B 45 -8.01 -25.37 0.67
C LYS B 45 -8.52 -24.13 -0.07
N SER B 46 -9.09 -24.30 -1.27
CA SER B 46 -9.65 -23.15 -1.96
C SER B 46 -10.95 -22.73 -1.30
N TRP B 47 -11.76 -23.71 -0.88
CA TRP B 47 -12.97 -23.42 -0.11
C TRP B 47 -12.63 -22.75 1.22
N PHE B 48 -11.59 -23.25 1.90
CA PHE B 48 -11.13 -22.62 3.13
C PHE B 48 -10.77 -21.15 2.91
N ARG B 49 -10.01 -20.88 1.85
CA ARG B 49 -9.58 -19.51 1.60
C ARG B 49 -10.78 -18.61 1.33
N GLU B 50 -11.68 -19.02 0.42
CA GLU B 50 -12.87 -18.23 0.12
C GLU B 50 -13.67 -17.97 1.38
N THR B 51 -13.82 -18.99 2.21
CA THR B 51 -14.60 -18.87 3.44
C THR B 51 -13.89 -17.97 4.44
N GLU B 52 -12.61 -18.24 4.70
CA GLU B 52 -11.81 -17.32 5.47
C GLU B 52 -12.04 -15.89 5.02
N LEU B 53 -11.89 -15.63 3.72
CA LEU B 53 -11.90 -14.25 3.25
C LEU B 53 -13.24 -13.59 3.56
N TYR B 54 -14.34 -14.23 3.15
CA TYR B 54 -15.64 -13.60 3.37
C TYR B 54 -16.06 -13.62 4.82
N ASN B 55 -15.32 -14.28 5.71
CA ASN B 55 -15.59 -14.24 7.14
C ASN B 55 -14.76 -13.19 7.85
N THR B 56 -13.84 -12.55 7.14
CA THR B 56 -13.09 -11.45 7.71
C THR B 56 -13.26 -10.15 6.95
N VAL B 57 -13.68 -10.20 5.68
CA VAL B 57 -13.94 -9.01 4.88
C VAL B 57 -15.28 -9.16 4.21
N MET B 58 -16.16 -8.16 4.35
CA MET B 58 -17.48 -8.25 3.72
C MET B 58 -17.37 -7.74 2.28
N LEU B 59 -16.63 -8.51 1.49
CA LEU B 59 -16.33 -8.15 0.10
C LEU B 59 -17.61 -7.95 -0.70
N ARG B 60 -17.84 -6.71 -1.16
CA ARG B 60 -19.09 -6.37 -1.84
C ARG B 60 -18.80 -5.31 -2.89
N HIS B 61 -18.84 -5.68 -4.17
CA HIS B 61 -18.55 -4.78 -5.27
C HIS B 61 -19.25 -5.30 -6.52
N GLU B 62 -19.70 -4.38 -7.37
CA GLU B 62 -20.53 -4.83 -8.47
C GLU B 62 -19.74 -5.63 -9.51
N ASN B 63 -18.41 -5.59 -9.46
CA ASN B 63 -17.59 -6.33 -10.41
C ASN B 63 -16.84 -7.47 -9.74
N ILE B 64 -17.31 -7.91 -8.59
CA ILE B 64 -16.85 -9.09 -7.88
C ILE B 64 -18.05 -10.01 -7.73
N LEU B 65 -17.88 -11.29 -8.04
CA LEU B 65 -18.97 -12.27 -7.93
C LEU B 65 -19.60 -12.19 -6.53
N GLY B 66 -20.91 -11.95 -6.49
CA GLY B 66 -21.63 -11.74 -5.25
C GLY B 66 -21.69 -12.96 -4.36
N PHE B 67 -21.03 -12.86 -3.21
CA PHE B 67 -21.01 -13.97 -2.25
C PHE B 67 -22.35 -14.08 -1.55
N ILE B 68 -22.84 -15.30 -1.41
CA ILE B 68 -24.06 -15.56 -0.67
C ILE B 68 -23.76 -16.32 0.61
N ALA B 69 -23.12 -17.48 0.50
CA ALA B 69 -22.91 -18.30 1.68
C ALA B 69 -21.86 -19.37 1.39
N SER B 70 -21.23 -19.83 2.46
CA SER B 70 -20.26 -20.91 2.44
C SER B 70 -20.70 -21.95 3.47
N ASP B 71 -20.69 -23.22 3.10
CA ASP B 71 -21.29 -24.20 3.99
C ASP B 71 -20.68 -25.58 3.78
N MET B 72 -20.64 -26.35 4.85
CA MET B 72 -20.49 -27.79 4.77
C MET B 72 -21.88 -28.39 4.71
N THR B 73 -22.06 -29.41 3.86
CA THR B 73 -23.35 -30.05 3.77
C THR B 73 -23.13 -31.49 3.34
N SER B 74 -24.23 -32.22 3.26
CA SER B 74 -24.21 -33.62 2.85
C SER B 74 -25.11 -33.79 1.65
N ARG B 75 -24.66 -34.60 0.70
CA ARG B 75 -25.44 -35.00 -0.46
C ARG B 75 -25.07 -36.45 -0.74
N HIS B 76 -26.07 -37.29 -0.94
CA HIS B 76 -25.80 -38.71 -1.19
C HIS B 76 -24.90 -39.29 -0.09
N SER B 77 -25.24 -38.98 1.17
CA SER B 77 -24.48 -39.42 2.34
C SER B 77 -22.98 -39.14 2.18
N SER B 78 -22.65 -37.98 1.61
CA SER B 78 -21.27 -37.56 1.45
C SER B 78 -21.12 -36.13 1.94
N THR B 79 -20.09 -35.87 2.74
CA THR B 79 -19.86 -34.50 3.18
C THR B 79 -19.27 -33.69 2.02
N GLN B 80 -19.86 -32.52 1.77
CA GLN B 80 -19.46 -31.67 0.66
C GLN B 80 -19.23 -30.24 1.13
N LEU B 81 -18.19 -29.61 0.59
CA LEU B 81 -17.89 -28.20 0.82
C LEU B 81 -18.45 -27.38 -0.34
N TRP B 82 -19.33 -26.42 -0.02
CA TRP B 82 -20.11 -25.63 -0.97
C TRP B 82 -19.79 -24.15 -0.86
N LEU B 83 -19.69 -23.49 -2.01
CA LEU B 83 -19.69 -22.04 -2.09
C LEU B 83 -20.89 -21.65 -2.94
N ILE B 84 -21.64 -20.66 -2.47
CA ILE B 84 -22.91 -20.27 -3.05
C ILE B 84 -22.84 -18.79 -3.36
N THR B 85 -23.17 -18.43 -4.61
CA THR B 85 -23.06 -17.07 -5.10
C THR B 85 -24.22 -16.76 -6.03
N HIS B 86 -24.27 -15.50 -6.46
CA HIS B 86 -25.17 -15.08 -7.53
C HIS B 86 -24.88 -15.90 -8.77
N TYR B 87 -25.90 -16.04 -9.60
CA TYR B 87 -25.84 -16.87 -10.78
C TYR B 87 -26.02 -15.98 -11.99
N HIS B 88 -25.05 -15.96 -12.88
CA HIS B 88 -25.10 -15.12 -14.08
C HIS B 88 -25.35 -16.04 -15.26
N GLU B 89 -26.59 -16.05 -15.75
CA GLU B 89 -26.98 -17.06 -16.72
C GLU B 89 -26.17 -16.97 -18.00
N MET B 90 -25.64 -15.79 -18.32
CA MET B 90 -24.85 -15.70 -19.55
C MET B 90 -23.54 -16.46 -19.46
N GLY B 91 -23.11 -16.86 -18.26
CA GLY B 91 -21.89 -17.63 -18.14
C GLY B 91 -20.64 -16.79 -18.01
N SER B 92 -19.50 -17.41 -18.32
CA SER B 92 -18.20 -16.78 -18.17
C SER B 92 -17.85 -15.93 -19.39
N LEU B 93 -16.85 -15.06 -19.22
CA LEU B 93 -16.33 -14.31 -20.35
C LEU B 93 -15.87 -15.26 -21.45
N TYR B 94 -15.33 -16.41 -21.05
CA TYR B 94 -14.95 -17.44 -22.00
C TYR B 94 -16.14 -17.92 -22.82
N ASP B 95 -17.32 -18.09 -22.20
CA ASP B 95 -18.52 -18.45 -22.98
C ASP B 95 -18.96 -17.29 -23.84
N TYR B 96 -19.05 -16.11 -23.26
CA TYR B 96 -19.59 -14.96 -23.98
C TYR B 96 -18.79 -14.69 -25.24
N LEU B 97 -17.46 -14.72 -25.15
CA LEU B 97 -16.62 -14.35 -26.29
C LEU B 97 -16.73 -15.34 -27.45
N GLN B 98 -17.13 -16.57 -27.16
CA GLN B 98 -17.39 -17.52 -28.23
C GLN B 98 -18.81 -17.39 -28.76
N LEU B 99 -19.73 -16.84 -27.96
CA LEU B 99 -21.10 -16.65 -28.39
C LEU B 99 -21.27 -15.44 -29.33
N THR B 100 -20.41 -14.43 -29.25
CA THR B 100 -20.68 -13.23 -30.03
C THR B 100 -19.42 -12.38 -30.21
N THR B 101 -19.50 -11.43 -31.14
CA THR B 101 -18.52 -10.38 -31.33
C THR B 101 -18.99 -9.13 -30.60
N LEU B 102 -18.08 -8.17 -30.45
CA LEU B 102 -18.34 -6.95 -29.69
C LEU B 102 -18.13 -5.71 -30.57
N ASP B 103 -18.87 -4.66 -30.26
CA ASP B 103 -18.57 -3.33 -30.76
C ASP B 103 -17.69 -2.62 -29.74
N THR B 104 -17.29 -1.39 -30.05
CA THR B 104 -16.36 -0.69 -29.17
C THR B 104 -16.96 -0.47 -27.79
N VAL B 105 -18.25 -0.20 -27.72
CA VAL B 105 -18.82 0.18 -26.44
C VAL B 105 -18.86 -1.04 -25.52
N SER B 106 -19.24 -2.20 -26.04
CA SER B 106 -19.32 -3.37 -25.17
C SER B 106 -17.95 -3.98 -24.89
N CYS B 107 -17.01 -3.87 -25.84
CA CYS B 107 -15.63 -4.24 -25.55
C CYS B 107 -15.09 -3.42 -24.38
N LEU B 108 -15.19 -2.11 -24.47
CA LEU B 108 -14.65 -1.25 -23.43
C LEU B 108 -15.42 -1.42 -22.12
N ARG B 109 -16.73 -1.58 -22.21
CA ARG B 109 -17.51 -1.85 -21.00
C ARG B 109 -17.00 -3.09 -20.27
N ILE B 110 -16.68 -4.15 -21.02
CA ILE B 110 -16.19 -5.41 -20.46
C ILE B 110 -14.83 -5.22 -19.79
N VAL B 111 -13.85 -4.66 -20.52
CA VAL B 111 -12.50 -4.62 -19.98
C VAL B 111 -12.40 -3.59 -18.86
N LEU B 112 -13.18 -2.49 -18.94
CA LEU B 112 -13.24 -1.53 -17.84
C LEU B 112 -13.84 -2.16 -16.57
N SER B 113 -14.95 -2.88 -16.69
CA SER B 113 -15.53 -3.50 -15.51
C SER B 113 -14.54 -4.45 -14.85
N ILE B 114 -13.80 -5.21 -15.66
CA ILE B 114 -12.77 -6.10 -15.09
C ILE B 114 -11.71 -5.29 -14.38
N ALA B 115 -11.26 -4.21 -15.00
CA ALA B 115 -10.25 -3.39 -14.35
C ALA B 115 -10.78 -2.86 -13.03
N SER B 116 -12.06 -2.46 -13.01
CA SER B 116 -12.64 -1.90 -11.80
CA SER B 116 -12.64 -1.90 -11.79
C SER B 116 -12.71 -2.94 -10.68
N GLY B 117 -13.12 -4.17 -11.01
CA GLY B 117 -13.14 -5.21 -10.00
C GLY B 117 -11.77 -5.49 -9.44
N LEU B 118 -10.76 -5.49 -10.31
CA LEU B 118 -9.42 -5.87 -9.90
C LEU B 118 -8.75 -4.75 -9.09
N ALA B 119 -8.91 -3.51 -9.53
CA ALA B 119 -8.48 -2.38 -8.71
C ALA B 119 -9.10 -2.45 -7.32
N HIS B 120 -10.40 -2.74 -7.25
CA HIS B 120 -11.08 -2.82 -5.94
C HIS B 120 -10.47 -3.91 -5.07
N LEU B 121 -10.15 -5.08 -5.66
CA LEU B 121 -9.45 -6.10 -4.88
C LEU B 121 -8.08 -5.60 -4.44
N HIS B 122 -7.39 -4.86 -5.30
CA HIS B 122 -5.98 -4.57 -5.04
C HIS B 122 -5.80 -3.51 -3.96
N ILE B 123 -6.73 -2.58 -3.82
CA ILE B 123 -6.54 -1.43 -2.95
C ILE B 123 -7.12 -1.70 -1.58
N GLU B 124 -6.38 -1.32 -0.54
CA GLU B 124 -6.81 -1.52 0.84
C GLU B 124 -7.71 -0.37 1.25
N ILE B 125 -8.76 -0.68 1.98
CA ILE B 125 -9.65 0.33 2.54
C ILE B 125 -9.56 0.27 4.06
N PHE B 126 -9.53 1.43 4.69
CA PHE B 126 -9.48 1.52 6.14
C PHE B 126 -10.84 1.96 6.68
N GLY B 127 -11.25 1.32 7.79
CA GLY B 127 -12.48 1.61 8.51
C GLY B 127 -13.23 0.34 8.83
N THR B 128 -14.49 0.51 9.27
CA THR B 128 -15.39 -0.61 9.51
C THR B 128 -16.09 -1.08 8.24
N GLN B 129 -16.08 -0.26 7.19
CA GLN B 129 -16.51 -0.66 5.85
C GLN B 129 -15.31 -0.81 4.92
N GLY B 130 -14.19 -1.32 5.47
CA GLY B 130 -12.95 -1.43 4.75
C GLY B 130 -12.52 -2.87 4.50
N LYS B 131 -11.32 -3.00 3.94
CA LYS B 131 -10.88 -4.29 3.42
C LYS B 131 -9.36 -4.29 3.30
N PRO B 132 -8.71 -5.42 3.52
CA PRO B 132 -7.29 -5.54 3.18
C PRO B 132 -7.10 -5.49 1.67
N ALA B 133 -5.85 -5.31 1.26
CA ALA B 133 -5.50 -5.52 -0.14
C ALA B 133 -5.52 -7.02 -0.43
N ILE B 134 -6.02 -7.37 -1.62
CA ILE B 134 -6.21 -8.75 -2.03
C ILE B 134 -5.64 -8.92 -3.43
N ALA B 135 -4.75 -9.89 -3.58
CA ALA B 135 -4.30 -10.31 -4.91
C ALA B 135 -5.02 -11.60 -5.28
N HIS B 136 -5.38 -11.73 -6.57
CA HIS B 136 -6.26 -12.80 -7.03
C HIS B 136 -5.48 -14.09 -7.26
N ARG B 137 -4.55 -14.07 -8.22
CA ARG B 137 -3.57 -15.10 -8.53
C ARG B 137 -4.06 -16.19 -9.49
N ASP B 138 -5.31 -16.15 -9.95
CA ASP B 138 -5.76 -17.09 -10.99
C ASP B 138 -6.75 -16.40 -11.90
N LEU B 139 -6.44 -15.18 -12.29
CA LEU B 139 -7.27 -14.44 -13.20
C LEU B 139 -7.27 -15.11 -14.59
N LYS B 140 -8.45 -15.21 -15.19
CA LYS B 140 -8.58 -15.74 -16.55
C LYS B 140 -10.03 -15.58 -16.99
N SER B 141 -10.29 -15.84 -18.28
CA SER B 141 -11.61 -15.56 -18.83
C SER B 141 -12.67 -16.52 -18.31
N LYS B 142 -12.29 -17.75 -17.93
CA LYS B 142 -13.22 -18.63 -17.23
C LYS B 142 -13.54 -18.14 -15.82
N ASN B 143 -12.69 -17.32 -15.21
CA ASN B 143 -12.92 -16.83 -13.85
C ASN B 143 -13.56 -15.45 -13.82
N ILE B 144 -14.18 -15.06 -14.93
CA ILE B 144 -14.92 -13.82 -15.04
C ILE B 144 -16.29 -14.17 -15.60
N LEU B 145 -17.34 -13.59 -15.01
CA LEU B 145 -18.70 -13.82 -15.46
C LEU B 145 -19.26 -12.55 -16.11
N VAL B 146 -20.13 -12.75 -17.09
CA VAL B 146 -20.79 -11.66 -17.80
C VAL B 146 -22.19 -11.47 -17.23
N LYS B 147 -22.45 -10.26 -16.71
CA LYS B 147 -23.75 -9.88 -16.16
C LYS B 147 -24.66 -9.39 -17.27
N LYS B 148 -25.97 -9.38 -16.97
CA LYS B 148 -26.94 -9.00 -18.00
C LYS B 148 -26.75 -7.56 -18.47
N ASN B 149 -26.10 -6.70 -17.69
CA ASN B 149 -25.90 -5.30 -18.07
C ASN B 149 -24.62 -5.06 -18.85
N GLY B 150 -23.97 -6.11 -19.35
CA GLY B 150 -22.74 -5.95 -20.11
C GLY B 150 -21.49 -5.75 -19.26
N GLN B 151 -21.63 -5.58 -17.96
CA GLN B 151 -20.49 -5.57 -17.06
C GLN B 151 -20.15 -6.99 -16.62
N CYS B 152 -18.90 -7.16 -16.20
CA CYS B 152 -18.36 -8.42 -15.72
C CYS B 152 -18.16 -8.38 -14.21
N CYS B 153 -17.90 -9.56 -13.64
CA CYS B 153 -17.45 -9.65 -12.25
C CYS B 153 -16.43 -10.75 -12.14
N ILE B 154 -15.50 -10.57 -11.24
CA ILE B 154 -14.40 -11.50 -11.04
C ILE B 154 -14.83 -12.52 -10.00
N ALA B 155 -14.35 -13.75 -10.17
CA ALA B 155 -14.77 -14.90 -9.38
C ALA B 155 -13.53 -15.70 -8.97
N ASP B 156 -13.72 -16.53 -7.94
CA ASP B 156 -12.75 -17.54 -7.52
C ASP B 156 -11.61 -16.87 -6.78
N LEU B 157 -11.79 -16.66 -5.48
CA LEU B 157 -10.72 -16.19 -4.61
C LEU B 157 -10.02 -17.35 -3.90
N GLY B 158 -10.08 -18.55 -4.48
CA GLY B 158 -9.49 -19.70 -3.83
C GLY B 158 -8.01 -19.54 -3.53
N LEU B 159 -7.32 -18.71 -4.31
CA LEU B 159 -5.87 -18.51 -4.15
C LEU B 159 -5.53 -17.11 -3.69
N ALA B 160 -6.52 -16.33 -3.26
CA ALA B 160 -6.29 -14.94 -2.91
C ALA B 160 -5.19 -14.82 -1.87
N VAL B 161 -4.38 -13.78 -2.03
CA VAL B 161 -3.38 -13.37 -1.05
C VAL B 161 -3.82 -12.03 -0.49
N MET B 162 -3.60 -11.83 0.80
CA MET B 162 -4.12 -10.64 1.48
C MET B 162 -3.00 -9.91 2.20
N HIS B 163 -3.13 -8.59 2.25
CA HIS B 163 -2.15 -7.79 2.95
C HIS B 163 -2.82 -6.52 3.43
N SER B 164 -2.44 -6.11 4.64
CA SER B 164 -3.01 -4.93 5.29
C SER B 164 -1.90 -4.17 5.98
N GLN B 165 -1.93 -2.84 5.85
CA GLN B 165 -0.96 -1.98 6.53
C GLN B 165 -1.18 -1.94 8.03
N SER B 166 -2.31 -2.45 8.53
CA SER B 166 -2.53 -2.60 9.97
C SER B 166 -1.70 -3.72 10.57
N THR B 167 -1.19 -4.66 9.78
CA THR B 167 -0.56 -5.87 10.29
C THR B 167 0.81 -6.16 9.75
N ASN B 168 1.21 -5.52 8.65
CA ASN B 168 2.44 -5.86 7.95
C ASN B 168 2.67 -7.38 7.86
N GLN B 169 1.60 -8.16 7.91
CA GLN B 169 1.69 -9.60 7.71
C GLN B 169 1.29 -9.93 6.29
N LEU B 170 2.05 -10.78 5.63
CA LEU B 170 1.67 -11.30 4.32
C LEU B 170 0.94 -12.61 4.54
N ASP B 171 -0.34 -12.66 4.15
CA ASP B 171 -1.17 -13.84 4.31
C ASP B 171 -1.29 -14.56 2.97
N VAL B 172 -0.46 -15.57 2.77
CA VAL B 172 -0.43 -16.32 1.52
C VAL B 172 -1.24 -17.60 1.59
N GLY B 173 -1.76 -17.96 2.76
CA GLY B 173 -2.49 -19.22 2.91
C GLY B 173 -1.55 -20.41 2.74
N ASN B 174 -2.16 -21.61 2.72
CA ASN B 174 -1.40 -22.86 2.60
C ASN B 174 -2.14 -23.80 1.65
N ASN B 175 -2.15 -23.44 0.37
CA ASN B 175 -2.94 -24.12 -0.63
C ASN B 175 -2.00 -24.84 -1.58
N PRO B 176 -2.10 -26.16 -1.78
CA PRO B 176 -1.26 -26.80 -2.81
C PRO B 176 -1.53 -26.30 -4.22
N ARG B 177 -2.74 -25.78 -4.48
CA ARG B 177 -3.14 -25.30 -5.80
C ARG B 177 -2.17 -24.23 -6.32
N VAL B 178 -1.99 -24.19 -7.65
CA VAL B 178 -1.30 -23.09 -8.31
C VAL B 178 -2.19 -22.51 -9.40
N GLY B 179 -1.79 -21.36 -9.93
CA GLY B 179 -2.55 -20.73 -10.98
C GLY B 179 -2.64 -21.60 -12.23
N THR B 180 -3.61 -21.25 -13.06
CA THR B 180 -3.74 -21.81 -14.40
C THR B 180 -2.43 -21.61 -15.15
N LYS B 181 -1.85 -22.70 -15.63
CA LYS B 181 -0.50 -22.64 -16.19
C LYS B 181 -0.46 -21.74 -17.42
N ARG B 182 -1.51 -21.79 -18.25
CA ARG B 182 -1.59 -20.95 -19.43
C ARG B 182 -1.39 -19.46 -19.12
N TYR B 183 -1.84 -18.99 -17.95
CA TYR B 183 -1.81 -17.57 -17.62
C TYR B 183 -0.71 -17.19 -16.63
N MET B 184 0.21 -18.09 -16.32
CA MET B 184 1.24 -17.80 -15.34
C MET B 184 2.20 -16.74 -15.85
N ALA B 185 2.57 -15.81 -14.97
CA ALA B 185 3.53 -14.78 -15.33
C ALA B 185 4.94 -15.37 -15.46
N PRO B 186 5.83 -14.71 -16.21
CA PRO B 186 7.21 -15.23 -16.31
C PRO B 186 7.85 -15.52 -14.96
N GLU B 187 7.73 -14.59 -14.00
CA GLU B 187 8.41 -14.73 -12.73
C GLU B 187 7.89 -15.94 -11.96
N VAL B 188 6.65 -16.33 -12.21
CA VAL B 188 6.12 -17.57 -11.63
C VAL B 188 6.78 -18.78 -12.31
N LEU B 189 6.83 -18.77 -13.64
CA LEU B 189 7.47 -19.86 -14.36
C LEU B 189 8.99 -19.86 -14.17
N ASP B 190 9.58 -18.66 -14.01
CA ASP B 190 10.99 -18.55 -13.61
C ASP B 190 11.22 -19.11 -12.22
N GLU B 191 10.21 -19.07 -11.36
CA GLU B 191 10.39 -19.23 -9.92
C GLU B 191 11.31 -18.14 -9.38
N THR B 192 11.28 -16.99 -10.04
CA THR B 192 12.03 -15.81 -9.61
C THR B 192 11.13 -14.80 -8.91
N ILE B 193 9.88 -15.17 -8.65
CA ILE B 193 8.96 -14.23 -8.04
C ILE B 193 9.38 -14.02 -6.58
N GLN B 194 9.45 -12.76 -6.16
CA GLN B 194 9.80 -12.46 -4.77
C GLN B 194 8.57 -12.75 -3.92
N VAL B 195 8.51 -13.94 -3.32
CA VAL B 195 7.29 -14.42 -2.64
C VAL B 195 6.95 -13.63 -1.37
N ASP B 196 7.92 -12.93 -0.77
CA ASP B 196 7.68 -12.20 0.48
C ASP B 196 7.14 -10.79 0.26
N CYS B 197 6.89 -10.41 -0.99
CA CYS B 197 6.43 -9.07 -1.33
C CYS B 197 5.00 -9.17 -1.82
N PHE B 198 4.09 -8.41 -1.20
CA PHE B 198 2.71 -8.46 -1.67
C PHE B 198 2.61 -7.96 -3.11
N ASP B 199 3.37 -6.92 -3.46
CA ASP B 199 3.28 -6.39 -4.81
C ASP B 199 3.59 -7.43 -5.87
N SER B 200 4.37 -8.47 -5.53
CA SER B 200 4.62 -9.55 -6.48
C SER B 200 3.31 -10.16 -6.99
N TYR B 201 2.34 -10.32 -6.08
CA TYR B 201 1.14 -11.05 -6.46
C TYR B 201 0.22 -10.17 -7.29
N LYS B 202 0.13 -8.88 -6.96
CA LYS B 202 -0.58 -7.94 -7.82
C LYS B 202 0.02 -7.93 -9.23
N ARG B 203 1.35 -7.89 -9.34
CA ARG B 203 1.96 -7.84 -10.65
C ARG B 203 1.63 -9.09 -11.46
N VAL B 204 1.50 -10.25 -10.80
CA VAL B 204 1.06 -11.49 -11.48
C VAL B 204 -0.35 -11.31 -12.04
N ASP B 205 -1.21 -10.58 -11.30
CA ASP B 205 -2.56 -10.30 -11.76
C ASP B 205 -2.56 -9.43 -13.01
N ILE B 206 -1.70 -8.41 -13.05
CA ILE B 206 -1.68 -7.49 -14.19
C ILE B 206 -1.28 -8.23 -15.46
N TRP B 207 -0.29 -9.13 -15.35
CA TRP B 207 0.07 -9.99 -16.47
C TRP B 207 -1.16 -10.75 -17.01
N ALA B 208 -1.85 -11.48 -16.12
CA ALA B 208 -3.01 -12.27 -16.54
C ALA B 208 -4.13 -11.37 -17.08
N PHE B 209 -4.33 -10.21 -16.46
CA PHE B 209 -5.29 -9.26 -16.98
C PHE B 209 -4.94 -8.88 -18.43
N GLY B 210 -3.65 -8.69 -18.73
CA GLY B 210 -3.28 -8.38 -20.09
C GLY B 210 -3.67 -9.47 -21.08
N LEU B 211 -3.51 -10.74 -20.68
CA LEU B 211 -3.94 -11.85 -21.53
C LEU B 211 -5.45 -11.81 -21.73
N VAL B 212 -6.21 -11.57 -20.66
CA VAL B 212 -7.66 -11.45 -20.79
C VAL B 212 -8.00 -10.29 -21.73
N LEU B 213 -7.27 -9.19 -21.63
CA LEU B 213 -7.50 -8.06 -22.54
C LEU B 213 -7.34 -8.49 -23.98
N TRP B 214 -6.24 -9.20 -24.25
CA TRP B 214 -5.99 -9.74 -25.58
C TRP B 214 -7.18 -10.60 -26.04
N GLU B 215 -7.63 -11.53 -25.18
CA GLU B 215 -8.74 -12.41 -25.53
C GLU B 215 -9.97 -11.63 -25.96
N VAL B 216 -10.27 -10.55 -25.23
CA VAL B 216 -11.46 -9.76 -25.51
C VAL B 216 -11.26 -8.95 -26.78
N ALA B 217 -10.14 -8.23 -26.88
CA ALA B 217 -9.86 -7.39 -28.05
C ALA B 217 -10.08 -8.14 -29.34
N ARG B 218 -9.66 -9.41 -29.38
CA ARG B 218 -9.76 -10.19 -30.61
C ARG B 218 -11.18 -10.20 -31.14
N ARG B 219 -12.18 -10.08 -30.25
CA ARG B 219 -13.59 -10.24 -30.58
C ARG B 219 -14.31 -8.93 -30.85
N MET B 220 -13.63 -7.79 -30.65
CA MET B 220 -14.19 -6.50 -31.02
C MET B 220 -14.02 -6.29 -32.52
N VAL B 221 -15.12 -6.03 -33.22
CA VAL B 221 -15.09 -5.78 -34.65
C VAL B 221 -14.51 -4.39 -34.91
N SER B 222 -13.64 -4.29 -35.90
CA SER B 222 -13.18 -2.97 -36.34
C SER B 222 -13.04 -3.00 -37.85
N ASN B 223 -13.69 -2.04 -38.50
CA ASN B 223 -13.63 -1.90 -39.96
C ASN B 223 -13.92 -3.24 -40.63
N GLY B 224 -14.97 -3.91 -40.12
CA GLY B 224 -15.46 -5.17 -40.66
C GLY B 224 -14.64 -6.40 -40.32
N ILE B 225 -13.62 -6.29 -39.47
CA ILE B 225 -12.68 -7.39 -39.22
C ILE B 225 -12.78 -7.82 -37.76
N VAL B 226 -12.69 -9.14 -37.55
CA VAL B 226 -12.73 -9.70 -36.20
C VAL B 226 -11.96 -11.02 -36.23
N GLU B 227 -11.39 -11.39 -35.09
CA GLU B 227 -10.72 -12.67 -34.99
C GLU B 227 -11.63 -13.71 -34.30
N ASP B 228 -11.33 -14.98 -34.54
CA ASP B 228 -11.96 -16.06 -33.79
C ASP B 228 -11.60 -15.97 -32.32
N TYR B 229 -12.50 -16.43 -31.45
CA TYR B 229 -12.07 -16.63 -30.06
C TYR B 229 -10.91 -17.62 -30.03
N LYS B 230 -9.87 -17.28 -29.25
CA LYS B 230 -8.75 -18.17 -28.93
C LYS B 230 -8.25 -17.89 -27.51
N PRO B 231 -7.75 -18.90 -26.81
CA PRO B 231 -7.06 -18.67 -25.54
C PRO B 231 -5.66 -18.15 -25.80
N PRO B 232 -5.04 -17.50 -24.83
CA PRO B 232 -3.67 -17.01 -25.00
C PRO B 232 -2.70 -18.14 -25.30
N PHE B 233 -1.81 -17.92 -26.26
CA PHE B 233 -0.78 -18.88 -26.63
C PHE B 233 -1.35 -20.12 -27.29
N TYR B 234 -2.55 -20.01 -27.88
CA TYR B 234 -3.18 -21.15 -28.53
C TYR B 234 -2.29 -21.74 -29.62
N ASP B 235 -1.39 -20.93 -30.18
CA ASP B 235 -0.64 -21.34 -31.36
C ASP B 235 0.68 -22.02 -31.02
N VAL B 236 1.12 -21.98 -29.75
CA VAL B 236 2.44 -22.49 -29.42
C VAL B 236 2.42 -23.56 -28.33
N VAL B 237 1.31 -23.73 -27.61
CA VAL B 237 1.22 -24.77 -26.58
C VAL B 237 -0.01 -25.62 -26.83
N PRO B 238 -0.03 -26.85 -26.30
CA PRO B 238 -1.21 -27.71 -26.42
C PRO B 238 -2.30 -27.31 -25.42
N ASN B 239 -3.46 -27.94 -25.60
CA ASN B 239 -4.48 -27.90 -24.56
C ASN B 239 -3.88 -28.40 -23.26
N ASP B 240 -4.24 -27.76 -22.17
CA ASP B 240 -3.79 -28.13 -20.85
C ASP B 240 -2.27 -28.17 -20.80
N PRO B 241 -1.58 -27.04 -21.02
CA PRO B 241 -0.12 -27.08 -21.17
C PRO B 241 0.58 -27.37 -19.85
N SER B 242 1.78 -27.93 -19.95
CA SER B 242 2.59 -28.17 -18.77
C SER B 242 3.25 -26.88 -18.29
N PHE B 243 3.68 -26.91 -17.02
CA PHE B 243 4.52 -25.83 -16.51
C PHE B 243 5.71 -25.58 -17.42
N GLU B 244 6.28 -26.65 -17.99
CA GLU B 244 7.47 -26.49 -18.82
C GLU B 244 7.12 -25.99 -20.22
N ASP B 245 5.97 -26.37 -20.77
CA ASP B 245 5.52 -25.76 -22.03
C ASP B 245 5.45 -24.24 -21.88
N MET B 246 4.81 -23.79 -20.81
CA MET B 246 4.62 -22.36 -20.60
C MET B 246 5.94 -21.65 -20.37
N ARG B 247 6.88 -22.32 -19.70
CA ARG B 247 8.14 -21.68 -19.39
C ARG B 247 8.99 -21.52 -20.65
N LYS B 248 8.99 -22.54 -21.52
CA LYS B 248 9.67 -22.44 -22.80
C LYS B 248 9.16 -21.23 -23.60
N VAL B 249 7.84 -21.04 -23.64
CA VAL B 249 7.24 -19.99 -24.47
C VAL B 249 7.45 -18.62 -23.85
N VAL B 250 7.17 -18.48 -22.55
CA VAL B 250 7.07 -17.16 -21.93
C VAL B 250 8.42 -16.65 -21.45
N CYS B 251 9.25 -17.51 -20.87
CA CYS B 251 10.55 -17.12 -20.32
C CYS B 251 11.70 -17.36 -21.28
N VAL B 252 11.82 -18.59 -21.77
CA VAL B 252 12.95 -18.95 -22.62
C VAL B 252 12.88 -18.18 -23.95
N ASP B 253 11.82 -18.40 -24.72
CA ASP B 253 11.63 -17.67 -25.98
C ASP B 253 11.09 -16.25 -25.76
N GLN B 254 10.62 -15.93 -24.56
N GLN B 254 10.60 -15.92 -24.58
CA GLN B 254 10.03 -14.63 -24.25
CA GLN B 254 10.05 -14.60 -24.29
C GLN B 254 8.97 -14.24 -25.28
C GLN B 254 8.96 -14.23 -25.30
N GLN B 255 8.08 -15.18 -25.58
CA GLN B 255 6.98 -14.95 -26.50
C GLN B 255 5.81 -14.27 -25.80
N ARG B 256 5.08 -13.47 -26.56
CA ARG B 256 3.88 -12.78 -26.13
C ARG B 256 2.80 -13.00 -27.18
N PRO B 257 1.53 -12.92 -26.80
CA PRO B 257 0.46 -13.05 -27.79
C PRO B 257 0.65 -12.03 -28.92
N ASN B 258 0.52 -12.51 -30.17
CA ASN B 258 0.68 -11.66 -31.33
C ASN B 258 -0.50 -10.69 -31.46
N ILE B 259 -0.19 -9.45 -31.79
CA ILE B 259 -1.21 -8.43 -32.04
C ILE B 259 -1.59 -8.52 -33.52
N PRO B 260 -2.86 -8.72 -33.87
CA PRO B 260 -3.25 -8.64 -35.28
C PRO B 260 -3.06 -7.24 -35.86
N ASN B 261 -2.49 -7.20 -37.06
CA ASN B 261 -2.24 -5.94 -37.77
C ASN B 261 -3.45 -5.02 -37.78
N ARG B 262 -4.64 -5.55 -38.02
CA ARG B 262 -5.81 -4.68 -38.09
C ARG B 262 -6.06 -3.92 -36.79
N TRP B 263 -5.53 -4.38 -35.65
CA TRP B 263 -5.73 -3.62 -34.42
C TRP B 263 -5.11 -2.23 -34.51
N PHE B 264 -3.94 -2.13 -35.16
CA PHE B 264 -3.23 -0.85 -35.30
C PHE B 264 -3.81 0.04 -36.39
N SER B 265 -4.90 -0.39 -37.04
CA SER B 265 -5.69 0.44 -37.95
C SER B 265 -6.92 1.01 -37.25
N ASP B 266 -7.09 0.74 -35.96
CA ASP B 266 -8.21 1.23 -35.17
C ASP B 266 -7.66 1.87 -33.90
N PRO B 267 -8.10 3.08 -33.55
CA PRO B 267 -7.51 3.75 -32.37
C PRO B 267 -7.95 3.15 -31.04
N THR B 268 -9.16 2.59 -30.93
CA THR B 268 -9.51 1.91 -29.68
C THR B 268 -8.59 0.71 -29.47
N LEU B 269 -8.44 -0.13 -30.50
CA LEU B 269 -7.65 -1.35 -30.34
C LEU B 269 -6.17 -1.02 -30.29
N THR B 270 -5.78 0.07 -30.93
CA THR B 270 -4.40 0.53 -30.79
C THR B 270 -4.12 0.90 -29.35
N SER B 271 -5.08 1.53 -28.67
CA SER B 271 -4.90 1.82 -27.23
C SER B 271 -4.90 0.54 -26.40
N LEU B 272 -5.83 -0.39 -26.68
CA LEU B 272 -5.86 -1.63 -25.90
C LEU B 272 -4.54 -2.39 -26.06
N ALA B 273 -4.04 -2.46 -27.31
CA ALA B 273 -2.79 -3.17 -27.55
C ALA B 273 -1.67 -2.57 -26.72
N LYS B 274 -1.62 -1.25 -26.61
CA LYS B 274 -0.55 -0.62 -25.84
C LYS B 274 -0.72 -0.91 -24.35
N LEU B 275 -1.96 -1.01 -23.87
CA LEU B 275 -2.18 -1.48 -22.49
C LEU B 275 -1.63 -2.88 -22.29
N MET B 276 -1.92 -3.79 -23.22
CA MET B 276 -1.46 -5.16 -23.10
C MET B 276 0.05 -5.21 -22.98
N LYS B 277 0.75 -4.48 -23.85
CA LYS B 277 2.20 -4.60 -23.84
C LYS B 277 2.77 -4.18 -22.49
N GLU B 278 2.15 -3.21 -21.83
CA GLU B 278 2.61 -2.75 -20.54
C GLU B 278 2.11 -3.62 -19.39
N CYS B 279 1.30 -4.63 -19.68
CA CYS B 279 1.02 -5.68 -18.72
C CYS B 279 1.99 -6.84 -18.85
N TRP B 280 2.76 -6.89 -19.94
CA TRP B 280 3.56 -8.06 -20.31
C TRP B 280 5.06 -7.83 -20.19
N TYR B 281 5.49 -6.69 -19.65
CA TYR B 281 6.90 -6.49 -19.35
C TYR B 281 7.45 -7.68 -18.57
N GLN B 282 8.55 -8.24 -19.06
CA GLN B 282 9.21 -9.32 -18.33
C GLN B 282 9.58 -8.90 -16.92
N ASN B 283 9.88 -7.62 -16.72
CA ASN B 283 10.20 -7.06 -15.40
C ASN B 283 8.90 -6.69 -14.68
N PRO B 284 8.56 -7.40 -13.60
CA PRO B 284 7.25 -7.16 -12.97
C PRO B 284 7.02 -5.72 -12.53
N SER B 285 8.05 -5.08 -11.98
CA SER B 285 7.88 -3.71 -11.50
C SER B 285 7.60 -2.74 -12.62
N ALA B 286 7.92 -3.10 -13.87
CA ALA B 286 7.64 -2.21 -14.98
C ALA B 286 6.16 -2.19 -15.37
N ARG B 287 5.35 -3.13 -14.86
CA ARG B 287 3.97 -3.25 -15.31
C ARG B 287 3.07 -2.18 -14.70
N LEU B 288 2.04 -1.82 -15.45
CA LEU B 288 1.00 -0.93 -14.94
C LEU B 288 0.29 -1.55 -13.76
N THR B 289 -0.22 -0.69 -12.88
CA THR B 289 -1.06 -1.12 -11.77
C THR B 289 -2.50 -1.20 -12.22
N ALA B 290 -3.34 -1.82 -11.39
CA ALA B 290 -4.73 -1.99 -11.78
C ALA B 290 -5.41 -0.63 -11.89
N LEU B 291 -5.04 0.29 -11.00
CA LEU B 291 -5.64 1.62 -10.98
C LEU B 291 -5.30 2.40 -12.24
N ARG B 292 -4.05 2.29 -12.69
CA ARG B 292 -3.64 2.96 -13.92
C ARG B 292 -4.38 2.38 -15.13
N ILE B 293 -4.61 1.07 -15.14
CA ILE B 293 -5.40 0.47 -16.21
C ILE B 293 -6.82 1.01 -16.17
N LYS B 294 -7.46 0.93 -15.00
CA LYS B 294 -8.79 1.51 -14.84
C LYS B 294 -8.86 2.96 -15.37
N LYS B 295 -7.90 3.81 -14.95
CA LYS B 295 -7.89 5.19 -15.42
C LYS B 295 -7.84 5.27 -16.95
N THR B 296 -6.90 4.56 -17.56
CA THR B 296 -6.74 4.64 -19.01
C THR B 296 -8.01 4.18 -19.73
N LEU B 297 -8.64 3.10 -19.26
CA LEU B 297 -9.83 2.58 -19.94
C LEU B 297 -10.99 3.55 -19.89
N THR B 298 -11.13 4.27 -18.76
CA THR B 298 -12.12 5.33 -18.63
C THR B 298 -11.95 6.41 -19.70
N LYS B 299 -10.72 6.87 -19.93
CA LYS B 299 -10.50 7.95 -20.89
C LYS B 299 -10.81 7.51 -22.33
N ILE B 300 -10.30 6.37 -22.75
CA ILE B 300 -10.46 5.89 -24.13
C ILE B 300 -11.86 6.09 -24.71
#